data_1K3K
#
_entry.id   1K3K
#
_entity_poly.entity_id   1
_entity_poly.type   'polypeptide(L)'
_entity_poly.pdbx_seq_one_letter_code
;MDEDVLPGEVLAIEGIFMACGLNEPEYLYHPLLSPIKLYITGLMRDKESLFEAMLANVRFHSTTGIDQLGLSMLQVSGDG
NMNWGRALAILTFGSFVAQKLSNEPHLRDFALAVLPAYAYEAIGPQWFRARGGWRGLKAYCTQVLTDDDDLEHHHHHH
;
_entity_poly.pdbx_strand_id   A
#
# COMPACT_ATOMS: atom_id res chain seq x y z
N MET A 1 -1.35 12.70 22.29
CA MET A 1 -2.56 11.85 22.47
C MET A 1 -2.19 10.48 23.01
N ASP A 2 -1.65 9.63 22.14
CA ASP A 2 -1.26 8.28 22.53
C ASP A 2 -0.34 7.66 21.49
N GLU A 3 0.47 8.49 20.85
CA GLU A 3 1.40 8.02 19.82
C GLU A 3 2.32 6.95 20.37
N ASP A 4 1.90 5.69 20.25
CA ASP A 4 2.69 4.57 20.73
C ASP A 4 3.34 3.82 19.56
N VAL A 5 3.76 4.58 18.55
CA VAL A 5 4.39 3.99 17.38
C VAL A 5 3.55 2.88 16.79
N LEU A 6 2.24 2.94 17.01
CA LEU A 6 1.32 1.94 16.48
C LEU A 6 -0.12 2.27 16.87
N PRO A 7 -0.59 3.48 16.49
CA PRO A 7 -1.95 3.93 16.78
C PRO A 7 -3.01 3.10 16.07
N GLY A 8 -2.64 2.56 14.91
CA GLY A 8 -3.57 1.75 14.14
C GLY A 8 -2.86 0.85 13.15
N GLU A 9 -3.57 -0.16 12.65
CA GLU A 9 -3.00 -1.09 11.69
C GLU A 9 -2.98 -0.49 10.29
N VAL A 10 -4.16 -0.10 9.80
CA VAL A 10 -4.29 0.49 8.47
C VAL A 10 -3.88 1.95 8.47
N LEU A 11 -4.15 2.65 9.56
CA LEU A 11 -3.81 4.06 9.68
C LEU A 11 -2.34 4.30 9.34
N ALA A 12 -1.50 3.29 9.58
CA ALA A 12 -0.08 3.40 9.30
C ALA A 12 0.19 3.49 7.80
N ILE A 13 -0.53 2.69 7.02
CA ILE A 13 -0.34 2.68 5.56
C ILE A 13 -1.06 3.84 4.90
N GLU A 14 -2.25 4.19 5.40
CA GLU A 14 -3.02 5.28 4.83
C GLU A 14 -2.25 6.60 4.92
N GLY A 15 -1.52 6.78 6.01
CA GLY A 15 -0.75 8.00 6.19
C GLY A 15 0.57 7.98 5.44
N ILE A 16 1.34 6.93 5.67
CA ILE A 16 2.65 6.79 5.02
C ILE A 16 2.54 6.78 3.50
N PHE A 17 1.35 6.49 2.98
CA PHE A 17 1.15 6.44 1.53
C PHE A 17 0.70 7.78 0.96
N MET A 18 -0.43 8.30 1.46
CA MET A 18 -0.96 9.57 0.97
C MET A 18 -0.32 10.77 1.66
N ALA A 19 0.20 10.57 2.87
CA ALA A 19 0.83 11.65 3.61
C ALA A 19 2.34 11.65 3.46
N CYS A 20 2.97 10.50 3.69
CA CYS A 20 4.43 10.39 3.59
C CYS A 20 4.87 10.09 2.15
N GLY A 21 3.99 9.47 1.37
CA GLY A 21 4.32 9.14 0.00
C GLY A 21 4.93 10.31 -0.76
N LEU A 22 4.55 11.53 -0.36
CA LEU A 22 5.07 12.73 -1.00
C LEU A 22 6.52 12.99 -0.59
N ASN A 23 6.84 12.66 0.65
CA ASN A 23 8.19 12.85 1.17
C ASN A 23 8.55 11.77 2.18
N GLU A 24 9.41 10.84 1.77
CA GLU A 24 9.84 9.76 2.63
C GLU A 24 11.17 10.07 3.30
N PRO A 25 11.16 10.43 4.59
CA PRO A 25 12.38 10.75 5.32
C PRO A 25 13.30 9.54 5.50
N GLU A 26 14.56 9.71 5.14
CA GLU A 26 15.54 8.62 5.26
C GLU A 26 16.52 8.90 6.39
N TYR A 27 16.03 9.53 7.45
CA TYR A 27 16.87 9.85 8.60
C TYR A 27 16.38 9.13 9.86
N LEU A 28 15.07 9.13 10.05
CA LEU A 28 14.46 8.48 11.19
C LEU A 28 13.12 7.85 10.83
N TYR A 29 12.89 6.63 11.31
CA TYR A 29 11.65 5.91 11.02
C TYR A 29 11.01 5.43 12.31
N HIS A 30 10.20 6.29 12.92
CA HIS A 30 9.53 5.95 14.17
C HIS A 30 8.49 4.84 13.97
N PRO A 31 7.57 5.00 13.00
CA PRO A 31 6.54 3.99 12.72
C PRO A 31 7.14 2.64 12.35
N LEU A 32 6.36 1.83 11.65
CA LEU A 32 6.82 0.50 11.22
C LEU A 32 8.24 0.55 10.66
N LEU A 33 9.05 -0.43 11.01
CA LEU A 33 10.43 -0.49 10.54
C LEU A 33 10.49 -0.28 9.03
N SER A 34 10.45 -1.36 8.25
CA SER A 34 10.48 -1.24 6.80
C SER A 34 9.76 -2.40 6.10
N PRO A 35 8.58 -2.83 6.60
CA PRO A 35 7.83 -3.92 5.97
C PRO A 35 7.18 -3.47 4.67
N ILE A 36 6.46 -2.36 4.74
CA ILE A 36 5.79 -1.80 3.58
C ILE A 36 6.76 -0.99 2.72
N LYS A 37 7.77 -0.40 3.37
CA LYS A 37 8.77 0.39 2.67
C LYS A 37 9.44 -0.44 1.57
N LEU A 38 9.88 -1.64 1.93
CA LEU A 38 10.54 -2.53 0.98
C LEU A 38 9.52 -3.10 0.01
N TYR A 39 8.37 -3.53 0.53
CA TYR A 39 7.32 -4.09 -0.29
C TYR A 39 6.93 -3.13 -1.41
N ILE A 40 6.63 -1.89 -1.04
CA ILE A 40 6.23 -0.87 -1.99
C ILE A 40 7.39 -0.48 -2.90
N THR A 41 8.58 -0.37 -2.32
CA THR A 41 9.77 0.00 -3.06
C THR A 41 10.09 -1.02 -4.15
N GLY A 42 9.89 -2.29 -3.82
CA GLY A 42 10.16 -3.35 -4.78
C GLY A 42 9.21 -3.32 -5.97
N LEU A 43 7.91 -3.31 -5.70
CA LEU A 43 6.91 -3.28 -6.76
C LEU A 43 7.03 -2.01 -7.58
N MET A 44 7.03 -0.87 -6.91
CA MET A 44 7.12 0.42 -7.59
C MET A 44 8.28 0.44 -8.59
N ARG A 45 9.30 -0.37 -8.33
CA ARG A 45 10.46 -0.45 -9.21
C ARG A 45 10.08 -1.06 -10.56
N ASP A 46 9.51 -2.25 -10.53
CA ASP A 46 9.12 -2.94 -11.76
C ASP A 46 7.77 -2.44 -12.28
N LYS A 47 6.77 -2.43 -11.41
CA LYS A 47 5.43 -1.98 -11.79
C LYS A 47 5.45 -0.56 -12.36
N GLU A 48 6.49 0.21 -12.04
CA GLU A 48 6.61 1.58 -12.53
C GLU A 48 6.29 1.66 -14.02
N SER A 49 6.85 0.75 -14.79
CA SER A 49 6.62 0.71 -16.23
C SER A 49 5.12 0.67 -16.54
N LEU A 50 4.35 0.06 -15.65
CA LEU A 50 2.91 -0.06 -15.84
C LEU A 50 2.21 1.22 -15.40
N PHE A 51 2.46 1.65 -14.16
CA PHE A 51 1.84 2.86 -13.63
C PHE A 51 2.19 4.07 -14.47
N GLU A 52 3.47 4.20 -14.81
CA GLU A 52 3.93 5.34 -15.61
C GLU A 52 3.09 5.50 -16.88
N ALA A 53 2.53 4.40 -17.37
CA ALA A 53 1.72 4.42 -18.57
C ALA A 53 0.30 4.92 -18.27
N MET A 54 -0.21 4.57 -17.10
CA MET A 54 -1.55 4.98 -16.70
C MET A 54 -1.54 6.38 -16.09
N LEU A 55 -0.53 6.65 -15.26
CA LEU A 55 -0.42 7.94 -14.58
C LEU A 55 0.22 9.00 -15.48
N ALA A 56 1.43 8.73 -15.95
CA ALA A 56 2.16 9.68 -16.79
C ALA A 56 1.60 9.81 -18.20
N ASN A 57 1.29 8.69 -18.84
CA ASN A 57 0.77 8.71 -20.21
C ASN A 57 -0.76 8.76 -20.25
N VAL A 58 -1.37 9.36 -19.22
CA VAL A 58 -2.82 9.47 -19.16
C VAL A 58 -3.28 9.91 -17.77
N ARG A 59 -4.40 10.61 -17.71
CA ARG A 59 -4.94 11.08 -16.44
C ARG A 59 -5.82 10.00 -15.81
N PHE A 60 -5.29 9.34 -14.78
CA PHE A 60 -6.03 8.28 -14.10
C PHE A 60 -7.45 8.72 -13.78
N HIS A 61 -8.42 7.97 -14.30
CA HIS A 61 -9.84 8.27 -14.08
C HIS A 61 -10.26 8.01 -12.64
N SER A 62 -9.69 8.78 -11.72
CA SER A 62 -10.02 8.66 -10.30
C SER A 62 -10.04 7.20 -9.86
N THR A 63 -10.59 6.95 -8.67
CA THR A 63 -10.66 5.61 -8.11
C THR A 63 -11.79 4.80 -8.77
N THR A 64 -12.77 5.47 -9.32
CA THR A 64 -13.90 4.79 -9.96
C THR A 64 -13.41 3.73 -10.94
N GLY A 65 -12.44 4.11 -11.78
CA GLY A 65 -11.91 3.17 -12.76
C GLY A 65 -10.86 2.24 -12.19
N ILE A 66 -9.90 2.81 -11.45
CA ILE A 66 -8.82 2.02 -10.86
C ILE A 66 -9.35 1.00 -9.85
N ASP A 67 -10.29 1.43 -9.02
CA ASP A 67 -10.86 0.56 -8.00
C ASP A 67 -11.25 -0.79 -8.59
N GLN A 68 -12.10 -0.78 -9.60
CA GLN A 68 -12.55 -2.02 -10.24
C GLN A 68 -11.37 -2.83 -10.75
N LEU A 69 -10.31 -2.14 -11.14
CA LEU A 69 -9.11 -2.81 -11.66
C LEU A 69 -8.23 -3.36 -10.54
N GLY A 70 -7.75 -2.46 -9.68
CA GLY A 70 -6.89 -2.87 -8.59
C GLY A 70 -7.65 -3.43 -7.40
N LEU A 71 -8.60 -2.66 -6.88
CA LEU A 71 -9.39 -3.09 -5.73
C LEU A 71 -10.02 -4.45 -5.98
N SER A 72 -10.22 -4.80 -7.25
CA SER A 72 -10.81 -6.08 -7.60
C SER A 72 -10.09 -7.23 -6.91
N MET A 73 -8.81 -7.02 -6.58
CA MET A 73 -8.02 -8.06 -5.93
C MET A 73 -8.76 -8.63 -4.72
N LEU A 74 -9.59 -7.81 -4.09
CA LEU A 74 -10.35 -8.24 -2.92
C LEU A 74 -11.44 -9.23 -3.32
N GLN A 75 -12.25 -8.85 -4.31
CA GLN A 75 -13.33 -9.71 -4.78
C GLN A 75 -12.80 -11.09 -5.17
N VAL A 76 -11.55 -11.13 -5.62
CA VAL A 76 -10.93 -12.39 -6.02
C VAL A 76 -10.13 -13.01 -4.87
N SER A 77 -9.61 -12.16 -3.99
CA SER A 77 -8.82 -12.62 -2.85
C SER A 77 -9.69 -12.74 -1.59
N GLY A 78 -10.91 -13.23 -1.77
CA GLY A 78 -11.82 -13.38 -0.65
C GLY A 78 -11.32 -14.41 0.35
N ASP A 79 -10.55 -15.38 -0.13
CA ASP A 79 -10.01 -16.44 0.73
C ASP A 79 -9.10 -17.36 -0.08
N GLY A 80 -7.82 -17.01 -0.14
CA GLY A 80 -6.87 -17.82 -0.88
C GLY A 80 -5.71 -18.29 -0.02
N ASN A 81 -4.52 -18.37 -0.61
CA ASN A 81 -3.34 -18.80 0.12
C ASN A 81 -2.20 -17.80 -0.05
N MET A 82 -2.03 -16.93 0.94
CA MET A 82 -0.97 -15.93 0.89
C MET A 82 -0.97 -15.18 -0.44
N ASN A 83 -1.66 -14.05 -0.48
CA ASN A 83 -1.74 -13.25 -1.70
C ASN A 83 -1.24 -11.83 -1.45
N TRP A 84 -0.07 -11.71 -0.84
CA TRP A 84 0.51 -10.42 -0.54
C TRP A 84 0.50 -9.52 -1.78
N GLY A 85 0.67 -10.14 -2.95
CA GLY A 85 0.67 -9.38 -4.19
C GLY A 85 -0.59 -8.56 -4.36
N ARG A 86 -1.71 -9.10 -3.89
CA ARG A 86 -2.99 -8.40 -4.00
C ARG A 86 -2.98 -7.11 -3.18
N ALA A 87 -3.01 -7.25 -1.85
CA ALA A 87 -2.98 -6.10 -0.97
C ALA A 87 -1.83 -5.18 -1.35
N LEU A 88 -0.73 -5.76 -1.81
CA LEU A 88 0.43 -4.99 -2.23
C LEU A 88 0.12 -4.18 -3.46
N ALA A 89 -0.76 -4.70 -4.31
CA ALA A 89 -1.15 -4.01 -5.53
C ALA A 89 -1.73 -2.64 -5.22
N ILE A 90 -2.73 -2.60 -4.34
CA ILE A 90 -3.35 -1.32 -3.97
C ILE A 90 -2.49 -0.56 -2.97
N LEU A 91 -1.73 -1.29 -2.16
CA LEU A 91 -0.86 -0.67 -1.17
C LEU A 91 0.26 0.11 -1.87
N THR A 92 1.12 -0.62 -2.57
CA THR A 92 2.21 0.01 -3.30
C THR A 92 1.67 1.08 -4.23
N PHE A 93 0.56 0.76 -4.89
CA PHE A 93 -0.08 1.69 -5.80
C PHE A 93 -0.27 3.04 -5.12
N GLY A 94 -0.68 3.00 -3.85
CA GLY A 94 -0.88 4.21 -3.10
C GLY A 94 0.39 5.04 -2.99
N SER A 95 1.52 4.37 -2.77
CA SER A 95 2.80 5.05 -2.66
C SER A 95 3.19 5.69 -3.99
N PHE A 96 3.21 4.88 -5.04
CA PHE A 96 3.56 5.37 -6.37
C PHE A 96 2.63 6.50 -6.78
N VAL A 97 1.33 6.22 -6.79
CA VAL A 97 0.34 7.21 -7.16
C VAL A 97 0.42 8.43 -6.25
N ALA A 98 0.72 8.19 -4.97
CA ALA A 98 0.83 9.29 -4.02
C ALA A 98 1.73 10.38 -4.56
N GLN A 99 2.79 9.96 -5.24
CA GLN A 99 3.73 10.91 -5.84
C GLN A 99 3.08 11.63 -7.01
N LYS A 100 2.29 10.89 -7.79
CA LYS A 100 1.59 11.46 -8.95
C LYS A 100 0.29 12.15 -8.55
N LEU A 101 -0.06 12.11 -7.27
CA LEU A 101 -1.29 12.73 -6.79
C LEU A 101 -1.09 14.21 -6.41
N SER A 102 0.17 14.62 -6.25
CA SER A 102 0.46 16.00 -5.89
C SER A 102 -0.26 16.97 -6.84
N ASN A 103 -0.53 16.52 -8.05
CA ASN A 103 -1.21 17.34 -9.05
C ASN A 103 -2.69 16.95 -9.15
N GLU A 104 -2.98 15.68 -8.88
CA GLU A 104 -4.35 15.18 -8.95
C GLU A 104 -4.71 14.40 -7.68
N PRO A 105 -5.35 15.07 -6.70
CA PRO A 105 -5.74 14.43 -5.44
C PRO A 105 -6.89 13.44 -5.57
N HIS A 106 -7.47 13.34 -6.77
CA HIS A 106 -8.58 12.43 -7.01
C HIS A 106 -8.28 11.04 -6.48
N LEU A 107 -7.15 10.48 -6.89
CA LEU A 107 -6.74 9.15 -6.45
C LEU A 107 -6.28 9.16 -4.99
N ARG A 108 -5.88 10.32 -4.50
CA ARG A 108 -5.44 10.45 -3.12
C ARG A 108 -6.63 10.42 -2.15
N ASP A 109 -7.82 10.73 -2.67
CA ASP A 109 -9.03 10.75 -1.85
C ASP A 109 -9.49 9.34 -1.49
N PHE A 110 -9.62 8.48 -2.49
CA PHE A 110 -10.08 7.11 -2.25
C PHE A 110 -9.05 6.35 -1.43
N ALA A 111 -7.78 6.54 -1.76
CA ALA A 111 -6.69 5.86 -1.05
C ALA A 111 -6.89 5.93 0.47
N LEU A 112 -7.51 7.00 0.92
CA LEU A 112 -7.76 7.19 2.35
C LEU A 112 -8.98 6.40 2.81
N ALA A 113 -10.05 6.48 2.02
CA ALA A 113 -11.31 5.79 2.35
C ALA A 113 -11.37 4.36 1.78
N VAL A 114 -10.31 3.89 1.13
CA VAL A 114 -10.32 2.56 0.54
C VAL A 114 -9.07 1.75 0.88
N LEU A 115 -7.89 2.33 0.65
CA LEU A 115 -6.64 1.63 0.92
C LEU A 115 -6.62 1.01 2.31
N PRO A 116 -6.81 1.81 3.38
CA PRO A 116 -6.80 1.29 4.75
C PRO A 116 -7.90 0.27 5.01
N ALA A 117 -9.13 0.64 4.68
CA ALA A 117 -10.29 -0.22 4.89
C ALA A 117 -10.13 -1.57 4.19
N TYR A 118 -9.85 -1.53 2.89
CA TYR A 118 -9.70 -2.75 2.11
C TYR A 118 -8.39 -3.47 2.44
N ALA A 119 -7.39 -2.72 2.90
CA ALA A 119 -6.10 -3.30 3.23
C ALA A 119 -6.24 -4.43 4.26
N TYR A 120 -6.86 -4.13 5.40
CA TYR A 120 -7.04 -5.12 6.45
C TYR A 120 -8.29 -5.97 6.19
N GLU A 121 -9.30 -5.35 5.59
CA GLU A 121 -10.54 -6.06 5.29
C GLU A 121 -10.28 -7.27 4.40
N ALA A 122 -9.57 -7.04 3.29
CA ALA A 122 -9.23 -8.12 2.37
C ALA A 122 -8.18 -9.04 2.97
N ILE A 123 -7.18 -8.44 3.62
CA ILE A 123 -6.11 -9.19 4.24
C ILE A 123 -6.66 -10.30 5.14
N GLY A 124 -7.63 -9.94 5.98
CA GLY A 124 -8.23 -10.91 6.88
C GLY A 124 -7.69 -10.80 8.29
N PRO A 125 -8.53 -11.02 9.31
CA PRO A 125 -8.11 -10.94 10.71
C PRO A 125 -6.94 -11.87 11.03
N GLN A 126 -7.09 -13.14 10.68
CA GLN A 126 -6.06 -14.14 10.94
C GLN A 126 -4.79 -13.83 10.17
N TRP A 127 -4.91 -13.64 8.86
CA TRP A 127 -3.76 -13.34 8.01
C TRP A 127 -2.94 -12.19 8.57
N PHE A 128 -3.63 -11.17 9.08
CA PHE A 128 -2.96 -10.01 9.64
C PHE A 128 -2.41 -10.31 11.04
N ARG A 129 -3.25 -10.90 11.88
CA ARG A 129 -2.86 -11.25 13.23
C ARG A 129 -1.62 -12.13 13.24
N ALA A 130 -1.51 -12.99 12.24
CA ALA A 130 -0.37 -13.90 12.12
C ALA A 130 0.75 -13.30 11.29
N ARG A 131 0.46 -13.03 10.02
CA ARG A 131 1.46 -12.46 9.11
C ARG A 131 1.54 -10.95 9.26
N GLY A 132 0.40 -10.29 9.34
CA GLY A 132 0.37 -8.85 9.48
C GLY A 132 0.95 -8.38 10.80
N GLY A 133 2.28 -8.36 10.89
CA GLY A 133 2.93 -7.93 12.11
C GLY A 133 4.12 -7.01 11.86
N TRP A 134 4.28 -6.54 10.62
CA TRP A 134 5.39 -5.66 10.27
C TRP A 134 6.72 -6.41 10.30
N ARG A 135 7.15 -6.81 11.49
CA ARG A 135 8.40 -7.53 11.65
C ARG A 135 8.44 -8.76 10.74
N GLY A 136 7.27 -9.34 10.48
CA GLY A 136 7.20 -10.52 9.64
C GLY A 136 7.41 -10.19 8.17
N LEU A 137 6.57 -9.30 7.63
CA LEU A 137 6.68 -8.90 6.24
C LEU A 137 8.04 -8.26 5.96
N LYS A 138 8.54 -7.50 6.92
CA LYS A 138 9.83 -6.84 6.78
C LYS A 138 10.95 -7.87 6.66
N ALA A 139 10.88 -8.92 7.48
CA ALA A 139 11.88 -9.97 7.47
C ALA A 139 11.64 -10.96 6.33
N TYR A 140 10.36 -11.15 6.00
CA TYR A 140 9.99 -12.07 4.92
C TYR A 140 10.41 -11.51 3.57
N CYS A 141 10.39 -10.18 3.44
CA CYS A 141 10.77 -9.53 2.20
C CYS A 141 12.13 -10.01 1.72
N THR A 142 12.99 -10.37 2.67
CA THR A 142 14.34 -10.84 2.34
C THR A 142 14.37 -12.37 2.25
N GLN A 143 13.56 -13.02 3.06
CA GLN A 143 13.51 -14.48 3.07
C GLN A 143 13.02 -15.01 1.73
N VAL A 144 12.18 -14.24 1.06
CA VAL A 144 11.66 -14.64 -0.25
C VAL A 144 12.76 -15.09 -1.18
N LEU A 145 13.86 -14.32 -1.21
CA LEU A 145 15.00 -14.64 -2.06
C LEU A 145 16.29 -14.12 -1.44
N THR A 146 17.18 -15.04 -1.09
CA THR A 146 18.46 -14.68 -0.49
C THR A 146 19.62 -15.39 -1.21
#